data_3HY3
#
_entry.id   3HY3
#
_cell.length_a   48.861
_cell.length_b   144.974
_cell.length_c   59.408
_cell.angle_alpha   90.00
_cell.angle_beta   90.00
_cell.angle_gamma   90.00
#
_symmetry.space_group_name_H-M   'C 2 2 21'
#
loop_
_entity.id
_entity.type
_entity.pdbx_description
1 polymer '5-formyltetrahydrofolate cyclo-ligase'
2 non-polymer 'N-({4-[{[(2R,4S,4aR,6S,8aS)-2-amino-4-hydroxydecahydropteridin-6-yl]methyl}(formyl)amino]phenyl}carbonyl)-D-glutamic acid'
3 non-polymer 'NICKEL (II) ION'
4 non-polymer 'MAGNESIUM ION'
5 water water
#
_entity_poly.entity_id   1
_entity_poly.type   'polypeptide(L)'
_entity_poly.pdbx_seq_one_letter_code
;MAAAAVSSAKRSLRGELKQRLRAMSAEERLRQSRVLSQKVIAHSEYQKSKRISIFLSMQDEIETEEIIKDIFQRGKICFI
PRYRFQSNHMDMVRIESPEEISLLPKTSWNIPQPGEGDVREEALSTGGLDLIFMPGLGFDKHGNRLGRGKGYYDAYLKRC
LQHQEVKPYTLALAFKEQICLQVPVNENDMKVDEVLYEDSSTA
;
_entity_poly.pdbx_strand_id   A
#
loop_
_chem_comp.id
_chem_comp.type
_chem_comp.name
_chem_comp.formula
10F non-polymer 'N-({4-[{[(2R,4S,4aR,6S,8aS)-2-amino-4-hydroxydecahydropteridin-6-yl]methyl}(formyl)amino]phenyl}carbonyl)-D-glutamic acid' 'C20 H29 N7 O7'
MG non-polymer 'MAGNESIUM ION' 'Mg 2'
NI non-polymer 'NICKEL (II) ION' 'Ni 2'
#
# COMPACT_ATOMS: atom_id res chain seq x y z
N MET A 1 -4.14 -25.47 -15.84
CA MET A 1 -3.82 -26.30 -14.68
C MET A 1 -2.60 -25.70 -13.91
N ALA A 2 -1.54 -25.31 -14.62
CA ALA A 2 -0.45 -24.61 -13.99
C ALA A 2 -0.87 -23.28 -13.32
N ALA A 3 -1.76 -22.52 -13.99
CA ALA A 3 -2.34 -21.29 -13.44
C ALA A 3 -3.04 -21.63 -12.14
N ALA A 4 -3.89 -22.65 -12.18
CA ALA A 4 -4.65 -23.02 -10.99
C ALA A 4 -3.71 -23.42 -9.83
N ALA A 5 -2.59 -24.11 -10.13
CA ALA A 5 -1.71 -24.52 -9.06
C ALA A 5 -1.02 -23.30 -8.45
N VAL A 6 -0.75 -22.31 -9.30
CA VAL A 6 -0.24 -21.04 -8.77
C VAL A 6 -1.25 -20.37 -7.81
N SER A 7 -2.53 -20.35 -8.25
CA SER A 7 -3.58 -19.72 -7.40
C SER A 7 -3.70 -20.49 -6.09
N SER A 8 -3.63 -21.82 -6.17
CA SER A 8 -3.72 -22.63 -4.98
C SER A 8 -2.59 -22.30 -3.97
N ALA A 9 -1.35 -22.17 -4.48
CA ALA A 9 -0.22 -21.83 -3.62
C ALA A 9 -0.41 -20.44 -2.99
N LYS A 10 -0.89 -19.48 -3.78
CA LYS A 10 -1.15 -18.14 -3.24
C LYS A 10 -2.20 -18.18 -2.13
N ARG A 11 -3.27 -18.93 -2.37
CA ARG A 11 -4.32 -19.03 -1.38
C ARG A 11 -3.81 -19.64 -0.10
N SER A 12 -3.07 -20.74 -0.22
CA SER A 12 -2.50 -21.37 0.98
C SER A 12 -1.58 -20.44 1.79
N LEU A 13 -0.72 -19.72 1.09
CA LEU A 13 0.16 -18.77 1.76
C LEU A 13 -0.61 -17.60 2.44
N ARG A 14 -1.62 -17.07 1.77
CA ARG A 14 -2.51 -16.11 2.39
C ARG A 14 -3.10 -16.57 3.71
N GLY A 15 -3.57 -17.82 3.72
CA GLY A 15 -4.11 -18.40 4.98
C GLY A 15 -3.04 -18.46 6.04
N GLU A 16 -1.83 -18.89 5.67
CA GLU A 16 -0.74 -18.89 6.65
C GLU A 16 -0.45 -17.50 7.23
N LEU A 17 -0.27 -16.52 6.33
CA LEU A 17 0.05 -15.15 6.70
C LEU A 17 -1.03 -14.57 7.52
N LYS A 18 -2.30 -14.72 7.09
CA LYS A 18 -3.40 -14.16 7.87
C LYS A 18 -3.46 -14.69 9.29
N GLN A 19 -3.14 -15.96 9.48
CA GLN A 19 -3.18 -16.55 10.81
C GLN A 19 -2.11 -15.89 11.70
N ARG A 20 -0.88 -15.78 11.17
CA ARG A 20 0.18 -14.98 11.90
C ARG A 20 -0.18 -13.54 12.19
N LEU A 21 -0.79 -12.89 11.21
CA LEU A 21 -1.22 -11.52 11.45
C LEU A 21 -2.31 -11.45 12.50
N ARG A 22 -3.26 -12.39 12.47
CA ARG A 22 -4.24 -12.52 13.58
C ARG A 22 -3.59 -12.73 14.94
N ALA A 23 -2.48 -13.47 14.97
CA ALA A 23 -1.87 -13.88 16.22
C ALA A 23 -0.94 -12.81 16.88
N MET A 24 -0.86 -11.64 16.26
CA MET A 24 0.04 -10.58 16.73
C MET A 24 -0.73 -9.68 17.73
N SER A 25 -0.11 -9.09 18.76
CA SER A 25 -0.87 -8.11 19.57
C SER A 25 -1.02 -6.67 19.02
N ALA A 26 -2.05 -5.96 19.41
CA ALA A 26 -2.16 -4.60 19.02
C ALA A 26 -0.88 -3.84 19.35
N GLU A 27 -0.40 -4.00 20.59
CA GLU A 27 0.83 -3.28 21.05
C GLU A 27 2.04 -3.62 20.15
N GLU A 28 2.16 -4.84 19.73
CA GLU A 28 3.32 -5.19 18.95
C GLU A 28 3.21 -4.64 17.50
N ARG A 29 2.05 -4.77 16.89
CA ARG A 29 1.85 -4.21 15.56
C ARG A 29 2.27 -2.71 15.64
N LEU A 30 1.85 -2.04 16.71
CA LEU A 30 2.21 -0.63 16.97
C LEU A 30 3.70 -0.39 17.12
N ARG A 31 4.41 -1.33 17.76
CA ARG A 31 5.89 -1.26 17.89
C ARG A 31 6.66 -1.40 16.52
N GLN A 32 6.21 -2.30 15.66
CA GLN A 32 6.93 -2.54 14.44
C GLN A 32 6.58 -1.36 13.52
N SER A 33 5.34 -0.87 13.62
CA SER A 33 4.91 0.30 12.84
C SER A 33 5.78 1.52 13.23
N ARG A 34 6.05 1.71 14.52
CA ARG A 34 6.94 2.80 14.93
C ARG A 34 8.35 2.67 14.37
N VAL A 35 8.88 1.49 14.34
CA VAL A 35 10.18 1.21 13.76
C VAL A 35 10.18 1.52 12.24
N LEU A 36 9.14 1.09 11.54
CA LEU A 36 9.09 1.38 10.11
C LEU A 36 8.94 2.84 9.82
N SER A 37 8.15 3.56 10.62
CA SER A 37 7.94 4.99 10.42
C SER A 37 9.29 5.74 10.45
N GLN A 38 10.13 5.40 11.43
CA GLN A 38 11.48 6.02 11.54
C GLN A 38 12.31 5.64 10.30
N LYS A 39 12.25 4.38 9.88
CA LYS A 39 12.94 3.95 8.68
C LYS A 39 12.53 4.67 7.41
N VAL A 40 11.22 4.79 7.17
CA VAL A 40 10.70 5.58 6.06
C VAL A 40 11.15 7.07 6.13
N ILE A 41 11.01 7.71 7.29
CA ILE A 41 11.32 9.10 7.44
C ILE A 41 12.79 9.37 7.11
N ALA A 42 13.67 8.41 7.39
CA ALA A 42 15.10 8.51 7.03
C ALA A 42 15.38 8.05 5.63
N HIS A 43 14.37 7.57 4.88
CA HIS A 43 14.65 6.93 3.62
C HIS A 43 14.85 7.96 2.43
N SER A 44 15.92 7.82 1.68
CA SER A 44 16.24 8.88 0.70
C SER A 44 15.21 9.04 -0.39
N GLU A 45 14.61 7.94 -0.83
CA GLU A 45 13.58 8.04 -1.87
C GLU A 45 12.32 8.72 -1.32
N TYR A 46 11.96 8.44 -0.08
CA TYR A 46 10.88 9.15 0.62
C TYR A 46 11.23 10.67 0.78
N GLN A 47 12.45 10.97 1.22
CA GLN A 47 12.79 12.38 1.48
C GLN A 47 12.74 13.21 0.18
N LYS A 48 13.17 12.64 -0.93
CA LYS A 48 13.18 13.38 -2.20
C LYS A 48 11.89 13.39 -2.92
N SER A 49 10.92 12.56 -2.58
CA SER A 49 9.68 12.44 -3.39
C SER A 49 8.67 13.53 -3.12
N LYS A 50 8.09 14.13 -4.19
CA LYS A 50 7.16 15.27 -3.98
C LYS A 50 5.73 14.81 -3.97
N ARG A 51 5.45 13.76 -4.74
CA ARG A 51 4.01 13.32 -4.96
C ARG A 51 3.95 11.86 -4.54
N ILE A 52 3.16 11.58 -3.53
CA ILE A 52 3.20 10.28 -2.82
C ILE A 52 1.84 9.64 -2.73
N SER A 53 1.77 8.34 -2.96
CA SER A 53 0.55 7.60 -2.65
C SER A 53 0.83 6.73 -1.42
N ILE A 54 -0.06 6.83 -0.43
CA ILE A 54 0.08 5.96 0.80
C ILE A 54 -1.28 5.39 1.12
N PHE A 55 -1.27 4.18 1.68
CA PHE A 55 -2.55 3.57 2.09
C PHE A 55 -2.93 3.85 3.54
N LEU A 56 -4.23 3.73 3.81
CA LEU A 56 -4.76 3.97 5.14
C LEU A 56 -4.93 2.59 5.80
N SER A 57 -4.32 2.38 6.93
CA SER A 57 -3.88 1.01 7.33
C SER A 57 -5.06 0.22 7.84
N MET A 58 -5.17 -0.99 7.33
CA MET A 58 -6.13 -2.03 7.89
C MET A 58 -5.51 -2.66 9.15
N GLN A 59 -6.30 -3.41 9.93
CA GLN A 59 -5.76 -3.88 11.20
C GLN A 59 -4.65 -4.91 11.00
N ASP A 60 -4.51 -5.44 9.81
CA ASP A 60 -3.47 -6.46 9.61
C ASP A 60 -2.29 -5.85 8.83
N GLU A 61 -2.17 -4.53 8.87
CA GLU A 61 -1.13 -3.86 8.06
C GLU A 61 -0.29 -2.99 9.00
N ILE A 62 0.99 -2.79 8.63
CA ILE A 62 1.72 -1.66 9.19
C ILE A 62 0.84 -0.32 9.30
N GLU A 63 0.83 0.33 10.48
CA GLU A 63 0.09 1.57 10.71
C GLU A 63 0.86 2.73 10.04
N THR A 64 0.21 3.43 9.11
CA THR A 64 0.89 4.55 8.39
C THR A 64 0.60 5.99 8.95
N GLU A 65 -0.17 6.09 10.05
CA GLU A 65 -0.54 7.33 10.62
C GLU A 65 0.64 8.36 10.84
N GLU A 66 1.72 7.89 11.39
CA GLU A 66 2.86 8.78 11.65
C GLU A 66 3.51 9.26 10.33
N ILE A 67 3.52 8.39 9.32
CA ILE A 67 4.08 8.71 7.97
C ILE A 67 3.21 9.80 7.33
N ILE A 68 1.89 9.68 7.48
CA ILE A 68 1.02 10.66 6.92
C ILE A 68 1.22 12.03 7.51
N LYS A 69 1.38 12.06 8.85
CA LYS A 69 1.59 13.32 9.46
C LYS A 69 2.93 13.90 8.92
N ASP A 70 3.95 13.07 8.78
CA ASP A 70 5.26 13.56 8.25
C ASP A 70 5.12 14.08 6.84
N ILE A 71 4.36 13.33 6.02
CA ILE A 71 4.13 13.77 4.64
C ILE A 71 3.62 15.19 4.54
N PHE A 72 2.62 15.53 5.34
CA PHE A 72 2.07 16.85 5.25
C PHE A 72 3.02 17.90 5.90
N GLN A 73 3.79 17.47 6.88
CA GLN A 73 4.84 18.37 7.46
C GLN A 73 5.94 18.74 6.47
N ARG A 74 6.23 17.85 5.53
CA ARG A 74 7.16 18.12 4.54
C ARG A 74 6.59 18.70 3.21
N GLY A 75 5.33 19.16 3.28
CA GLY A 75 4.60 19.71 2.14
C GLY A 75 4.61 18.79 0.92
N LYS A 76 4.54 17.48 1.13
CA LYS A 76 4.43 16.59 0.02
C LYS A 76 2.96 16.57 -0.38
N ILE A 77 2.68 16.24 -1.64
CA ILE A 77 1.32 16.10 -2.17
C ILE A 77 0.93 14.65 -1.93
N CYS A 78 -0.20 14.45 -1.26
CA CYS A 78 -0.51 13.13 -0.68
C CYS A 78 -1.78 12.57 -1.37
N PHE A 79 -1.68 11.33 -1.84
CA PHE A 79 -2.85 10.64 -2.49
C PHE A 79 -3.13 9.36 -1.73
N ILE A 80 -4.43 9.01 -1.63
CA ILE A 80 -4.81 7.75 -0.98
C ILE A 80 -5.65 6.92 -1.97
N PRO A 81 -5.81 5.61 -1.71
CA PRO A 81 -6.65 4.77 -2.54
C PRO A 81 -8.09 5.15 -2.47
N ARG A 82 -8.74 5.07 -3.65
CA ARG A 82 -10.24 5.13 -3.72
C ARG A 82 -10.62 3.99 -4.62
N TYR A 83 -11.19 2.93 -4.03
CA TYR A 83 -11.42 1.73 -4.72
C TYR A 83 -12.91 1.68 -5.16
N ARG A 84 -13.17 1.26 -6.40
CA ARG A 84 -14.54 1.10 -6.85
C ARG A 84 -14.78 -0.39 -6.91
N PHE A 85 -15.56 -0.89 -5.96
CA PHE A 85 -15.74 -2.33 -5.74
C PHE A 85 -16.47 -2.98 -6.92
N GLN A 86 -17.33 -2.23 -7.59
CA GLN A 86 -18.12 -2.84 -8.68
C GLN A 86 -17.20 -3.25 -9.82
N SER A 87 -16.07 -2.57 -10.04
CA SER A 87 -15.26 -2.85 -11.23
C SER A 87 -13.86 -3.27 -10.83
N ASN A 88 -13.64 -3.41 -9.52
CA ASN A 88 -12.31 -3.82 -9.02
C ASN A 88 -11.24 -2.86 -9.53
N HIS A 89 -11.48 -1.56 -9.44
CA HIS A 89 -10.60 -0.53 -10.09
C HIS A 89 -10.23 0.41 -8.93
N MET A 90 -8.98 0.88 -8.92
CA MET A 90 -8.59 1.84 -7.85
C MET A 90 -8.03 3.10 -8.57
N ASP A 91 -8.28 4.26 -7.97
CA ASP A 91 -7.55 5.52 -8.32
C ASP A 91 -6.83 5.99 -7.07
N MET A 92 -5.87 6.90 -7.24
CA MET A 92 -5.25 7.49 -6.06
C MET A 92 -5.74 8.95 -6.02
N VAL A 93 -6.39 9.35 -4.91
CA VAL A 93 -7.05 10.60 -4.89
C VAL A 93 -6.46 11.55 -3.79
N ARG A 94 -6.45 12.85 -4.12
CA ARG A 94 -5.70 13.78 -3.22
C ARG A 94 -6.41 14.10 -1.94
N ILE A 95 -5.71 14.03 -0.80
CA ILE A 95 -6.25 14.59 0.46
C ILE A 95 -5.33 15.76 0.90
N GLU A 96 -5.87 16.69 1.69
CA GLU A 96 -5.14 17.96 1.91
C GLU A 96 -4.67 18.13 3.35
N SER A 97 -5.08 17.26 4.26
CA SER A 97 -4.56 17.24 5.64
C SER A 97 -4.73 15.83 6.24
N PRO A 98 -3.99 15.54 7.32
CA PRO A 98 -4.27 14.29 8.03
C PRO A 98 -5.66 14.36 8.60
N GLU A 99 -6.08 15.53 9.06
CA GLU A 99 -7.36 15.59 9.80
C GLU A 99 -8.56 15.32 8.90
N GLU A 100 -8.43 15.58 7.61
CA GLU A 100 -9.53 15.33 6.68
C GLU A 100 -9.93 13.85 6.71
N ILE A 101 -8.95 12.98 6.94
CA ILE A 101 -9.15 11.54 6.93
C ILE A 101 -10.26 11.10 7.90
N SER A 102 -10.26 11.71 9.08
CA SER A 102 -11.25 11.43 10.10
C SER A 102 -12.69 11.73 9.73
N LEU A 103 -12.90 12.62 8.76
CA LEU A 103 -14.28 12.97 8.36
C LEU A 103 -14.82 12.13 7.18
N LEU A 104 -13.96 11.36 6.50
CA LEU A 104 -14.40 10.69 5.29
C LEU A 104 -15.31 9.52 5.64
N PRO A 105 -16.22 9.17 4.71
CA PRO A 105 -17.00 7.96 4.89
C PRO A 105 -16.01 6.75 4.80
N LYS A 106 -16.46 5.57 5.24
CA LYS A 106 -15.64 4.41 5.24
C LYS A 106 -16.26 3.33 4.33
N THR A 107 -15.41 2.46 3.78
CA THR A 107 -15.90 1.30 3.05
C THR A 107 -16.33 0.14 3.96
N SER A 108 -16.76 -0.94 3.34
CA SER A 108 -17.04 -2.20 4.04
C SER A 108 -15.79 -2.90 4.65
N TRP A 109 -14.59 -2.39 4.35
CA TRP A 109 -13.39 -2.81 5.04
C TRP A 109 -13.06 -1.85 6.20
N ASN A 110 -14.02 -0.97 6.54
CA ASN A 110 -13.81 0.00 7.61
C ASN A 110 -12.60 0.94 7.38
N ILE A 111 -12.27 1.23 6.13
CA ILE A 111 -11.17 2.14 5.78
C ILE A 111 -11.82 3.43 5.18
N PRO A 112 -11.27 4.59 5.52
CA PRO A 112 -11.76 5.80 4.93
C PRO A 112 -11.41 5.91 3.44
N GLN A 113 -12.35 6.48 2.69
CA GLN A 113 -12.04 6.96 1.31
C GLN A 113 -13.15 7.95 0.91
N PRO A 114 -12.83 8.91 0.03
CA PRO A 114 -13.84 9.93 -0.36
C PRO A 114 -15.02 9.25 -0.98
N GLY A 115 -16.23 9.77 -0.75
CA GLY A 115 -17.36 9.08 -1.30
C GLY A 115 -17.61 9.27 -2.80
N GLU A 116 -18.60 8.53 -3.31
CA GLU A 116 -18.98 8.45 -4.70
C GLU A 116 -19.12 9.83 -5.37
N GLY A 117 -19.71 10.80 -4.73
CA GLY A 117 -19.80 12.06 -5.50
C GLY A 117 -18.85 13.16 -5.10
N ASP A 118 -17.79 12.83 -4.33
CA ASP A 118 -16.82 13.80 -3.91
C ASP A 118 -15.77 13.85 -5.04
N VAL A 119 -15.77 14.93 -5.81
CA VAL A 119 -14.88 15.04 -6.96
C VAL A 119 -13.47 15.31 -6.48
N ARG A 120 -12.53 14.48 -6.85
CA ARG A 120 -11.21 14.56 -6.29
C ARG A 120 -10.18 14.66 -7.38
N GLU A 121 -9.12 15.41 -7.14
CA GLU A 121 -7.97 15.33 -7.99
C GLU A 121 -7.35 13.92 -7.95
N GLU A 122 -7.14 13.29 -9.09
CA GLU A 122 -6.51 12.00 -9.21
C GLU A 122 -5.05 12.17 -9.51
N ALA A 123 -4.23 11.27 -9.00
CA ALA A 123 -2.75 11.45 -9.14
C ALA A 123 -2.34 11.41 -10.64
N LEU A 124 -2.92 10.48 -11.42
CA LEU A 124 -2.53 10.38 -12.84
C LEU A 124 -3.16 11.50 -13.72
N SER A 125 -4.04 12.31 -13.16
CA SER A 125 -4.55 13.42 -13.95
C SER A 125 -3.70 14.72 -13.76
N THR A 126 -2.74 14.70 -12.81
CA THR A 126 -2.04 15.94 -12.42
C THR A 126 -0.55 15.76 -12.30
N GLY A 127 -0.01 14.74 -12.93
CA GLY A 127 1.46 14.53 -12.89
C GLY A 127 1.99 13.14 -12.62
N GLY A 128 1.16 12.27 -12.09
CA GLY A 128 1.61 10.90 -11.69
C GLY A 128 2.19 10.92 -10.27
N LEU A 129 3.07 9.94 -9.98
CA LEU A 129 3.53 9.72 -8.57
C LEU A 129 5.03 9.46 -8.54
N ASP A 130 5.72 10.06 -7.60
CA ASP A 130 7.16 9.75 -7.41
C ASP A 130 7.35 8.46 -6.62
N LEU A 131 6.43 8.22 -5.66
CA LEU A 131 6.60 7.08 -4.72
C LEU A 131 5.24 6.53 -4.29
N ILE A 132 5.13 5.21 -4.30
CA ILE A 132 3.90 4.56 -3.89
C ILE A 132 4.26 3.59 -2.76
N PHE A 133 3.68 3.81 -1.58
CA PHE A 133 3.78 2.82 -0.41
C PHE A 133 2.87 1.69 -0.74
N MET A 134 3.43 0.51 -0.76
CA MET A 134 2.72 -0.69 -1.24
C MET A 134 2.27 -1.53 -0.01
N PRO A 135 0.95 -1.73 0.15
CA PRO A 135 0.52 -2.73 1.19
C PRO A 135 0.50 -4.14 0.58
N GLY A 136 0.33 -5.16 1.42
CA GLY A 136 0.15 -6.50 0.85
C GLY A 136 0.16 -7.48 2.03
N LEU A 137 -0.23 -8.71 1.77
CA LEU A 137 -0.20 -9.69 2.87
C LEU A 137 1.13 -10.30 3.09
N GLY A 138 1.91 -10.45 2.05
CA GLY A 138 3.27 -11.08 2.19
C GLY A 138 4.25 -10.48 1.16
N PHE A 139 5.54 -10.59 1.43
CA PHE A 139 6.52 -10.18 0.45
C PHE A 139 7.70 -11.14 0.61
N ASP A 140 8.42 -11.43 -0.46
CA ASP A 140 9.75 -12.09 -0.26
C ASP A 140 10.87 -11.04 -0.51
N LYS A 141 12.11 -11.49 -0.37
CA LYS A 141 13.28 -10.57 -0.48
C LYS A 141 13.66 -10.25 -1.89
N HIS A 142 13.00 -10.83 -2.86
CA HIS A 142 13.18 -10.43 -4.24
C HIS A 142 12.19 -9.31 -4.61
N GLY A 143 11.36 -8.91 -3.66
CA GLY A 143 10.35 -7.94 -4.01
C GLY A 143 9.05 -8.49 -4.58
N ASN A 144 8.87 -9.80 -4.57
CA ASN A 144 7.57 -10.31 -4.98
C ASN A 144 6.57 -9.96 -3.89
N ARG A 145 5.32 -9.76 -4.29
CA ARG A 145 4.29 -9.35 -3.36
C ARG A 145 3.09 -10.30 -3.50
N LEU A 146 2.49 -10.58 -2.35
CA LEU A 146 1.29 -11.38 -2.34
C LEU A 146 0.25 -10.38 -1.87
N GLY A 147 -0.67 -10.02 -2.76
CA GLY A 147 -1.77 -9.12 -2.38
C GLY A 147 -3.00 -9.92 -1.88
N ARG A 148 -4.12 -9.23 -1.74
CA ARG A 148 -5.30 -9.89 -1.14
C ARG A 148 -6.05 -10.76 -2.14
N GLY A 149 -5.73 -10.60 -3.42
CA GLY A 149 -6.28 -11.48 -4.39
C GLY A 149 -6.71 -10.84 -5.69
N LYS A 150 -7.34 -9.66 -5.63
CA LYS A 150 -7.92 -9.18 -6.91
C LYS A 150 -6.99 -8.29 -7.79
N GLY A 151 -5.76 -8.10 -7.34
CA GLY A 151 -4.76 -7.41 -8.18
C GLY A 151 -4.99 -5.96 -8.55
N TYR A 152 -5.68 -5.25 -7.67
CA TYR A 152 -5.90 -3.84 -7.93
C TYR A 152 -4.60 -3.00 -7.93
N TYR A 153 -3.65 -3.31 -7.03
CA TYR A 153 -2.38 -2.57 -7.08
C TYR A 153 -1.57 -2.96 -8.30
N ASP A 154 -1.57 -4.25 -8.65
CA ASP A 154 -0.82 -4.61 -9.89
C ASP A 154 -1.37 -3.85 -11.11
N ALA A 155 -2.69 -3.83 -11.24
CA ALA A 155 -3.29 -3.06 -12.32
C ALA A 155 -2.97 -1.56 -12.25
N TYR A 156 -2.97 -0.99 -11.02
CA TYR A 156 -2.68 0.43 -10.90
C TYR A 156 -1.21 0.73 -11.33
N LEU A 157 -0.26 -0.10 -10.88
CA LEU A 157 1.15 0.08 -11.32
C LEU A 157 1.28 0.07 -12.82
N LYS A 158 0.61 -0.88 -13.47
CA LYS A 158 0.62 -0.83 -14.98
C LYS A 158 0.11 0.47 -15.52
N ARG A 159 -1.01 0.97 -14.99
CA ARG A 159 -1.52 2.25 -15.40
C ARG A 159 -0.58 3.41 -15.21
N CYS A 160 0.25 3.39 -14.17
CA CYS A 160 1.17 4.54 -14.00
C CYS A 160 2.10 4.85 -15.17
N LEU A 161 2.52 3.80 -15.83
CA LEU A 161 3.38 3.93 -17.02
C LEU A 161 2.76 4.80 -18.16
N GLN A 162 1.44 4.91 -18.21
CA GLN A 162 0.82 5.66 -19.27
C GLN A 162 0.82 7.18 -19.04
N HIS A 163 1.49 7.64 -17.98
CA HIS A 163 1.55 9.06 -17.72
C HIS A 163 2.84 9.55 -17.36
N GLN A 164 3.75 8.60 -17.07
CA GLN A 164 5.03 9.05 -16.68
C GLN A 164 6.13 8.26 -17.39
N GLU A 165 7.18 9.02 -17.71
CA GLU A 165 8.44 8.62 -18.30
C GLU A 165 9.06 7.77 -17.25
N VAL A 166 9.11 8.31 -16.01
CA VAL A 166 9.84 7.61 -14.98
C VAL A 166 8.86 6.85 -14.07
N LYS A 167 8.93 5.54 -14.00
CA LYS A 167 8.02 4.72 -13.17
C LYS A 167 8.06 5.06 -11.64
N PRO A 168 6.93 5.04 -10.90
CA PRO A 168 7.02 5.48 -9.47
C PRO A 168 7.93 4.49 -8.69
N TYR A 169 8.68 4.97 -7.68
CA TYR A 169 9.39 4.06 -6.79
C TYR A 169 8.35 3.29 -5.91
N THR A 170 8.49 1.97 -5.75
CA THR A 170 7.46 1.24 -4.96
C THR A 170 8.13 0.71 -3.68
N LEU A 171 7.58 1.12 -2.55
CA LEU A 171 8.20 0.80 -1.23
C LEU A 171 7.12 0.15 -0.39
N ALA A 172 7.33 -1.13 -0.15
CA ALA A 172 6.40 -1.92 0.70
C ALA A 172 6.80 -1.78 2.17
N LEU A 173 5.79 -1.84 3.05
CA LEU A 173 5.99 -1.71 4.48
C LEU A 173 5.40 -3.02 5.06
N ALA A 174 6.24 -3.84 5.70
CA ALA A 174 5.88 -5.21 6.09
C ALA A 174 6.25 -5.43 7.53
N PHE A 175 5.38 -6.17 8.24
CA PHE A 175 5.85 -6.84 9.48
C PHE A 175 6.91 -7.89 9.20
N LYS A 176 7.87 -8.19 10.13
CA LYS A 176 8.77 -9.29 9.87
C LYS A 176 7.96 -10.58 9.65
N GLU A 177 6.79 -10.66 10.26
CA GLU A 177 5.90 -11.85 10.11
C GLU A 177 5.39 -12.03 8.69
N GLN A 178 5.45 -10.96 7.90
CA GLN A 178 5.00 -11.01 6.54
C GLN A 178 6.06 -11.34 5.50
N ILE A 179 7.34 -11.46 5.92
CA ILE A 179 8.37 -11.87 5.01
C ILE A 179 8.45 -13.37 4.73
N CYS A 180 8.27 -13.80 3.50
CA CYS A 180 8.28 -15.20 3.10
C CYS A 180 9.58 -15.61 2.38
N LEU A 181 9.88 -16.91 2.37
CA LEU A 181 10.92 -17.44 1.52
C LEU A 181 10.65 -17.19 0.07
N GLN A 182 9.47 -17.49 -0.44
CA GLN A 182 9.22 -17.38 -1.88
C GLN A 182 7.73 -17.10 -2.03
N VAL A 183 7.39 -15.98 -2.67
CA VAL A 183 5.97 -15.74 -2.95
C VAL A 183 5.66 -16.40 -4.27
N PRO A 184 4.62 -17.21 -4.33
CA PRO A 184 4.25 -17.78 -5.59
C PRO A 184 3.75 -16.62 -6.49
N VAL A 185 4.16 -16.63 -7.74
CA VAL A 185 3.79 -15.48 -8.57
C VAL A 185 3.38 -15.92 -9.98
N ASN A 186 2.58 -15.07 -10.61
CA ASN A 186 2.28 -15.02 -12.04
C ASN A 186 0.83 -15.39 -12.25
N ASP A 189 2.40 -10.59 -12.46
CA ASP A 189 2.43 -10.02 -11.12
C ASP A 189 3.58 -9.05 -11.02
N MET A 190 3.34 -7.94 -10.32
CA MET A 190 4.30 -6.83 -10.26
C MET A 190 5.17 -6.86 -9.00
N LYS A 191 6.48 -6.88 -9.13
CA LYS A 191 7.43 -6.75 -8.05
C LYS A 191 7.62 -5.34 -7.50
N VAL A 192 7.90 -5.18 -6.22
CA VAL A 192 8.19 -3.87 -5.69
C VAL A 192 9.68 -3.57 -5.73
N ASP A 193 10.05 -2.32 -5.75
CA ASP A 193 11.45 -1.96 -5.70
C ASP A 193 12.12 -2.30 -4.36
N GLU A 194 11.42 -2.12 -3.23
CA GLU A 194 12.03 -2.36 -1.92
C GLU A 194 11.00 -2.77 -0.88
N VAL A 195 11.32 -3.76 -0.06
CA VAL A 195 10.46 -4.12 1.11
C VAL A 195 11.11 -3.68 2.42
N LEU A 196 10.49 -2.82 3.19
CA LEU A 196 11.02 -2.42 4.48
C LEU A 196 10.40 -3.27 5.57
N TYR A 197 11.23 -3.78 6.46
CA TYR A 197 10.72 -4.40 7.69
C TYR A 197 11.78 -4.27 8.78
N GLU A 198 11.42 -4.49 10.03
CA GLU A 198 12.37 -4.53 11.15
C GLU A 198 13.53 -5.52 10.88
N1 10F B . -6.35 0.20 1.70
C2 10F B . -5.12 -0.40 2.32
NA2 10F B . -5.01 -0.01 3.69
N3 10F B . -4.90 -1.91 2.19
C4 10F B . -5.34 -2.41 0.87
O4 10F B . -5.29 -3.78 0.71
C4A 10F B . -6.67 -1.83 0.47
N5 10F B . -7.10 -2.56 -0.76
C6 10F B . -8.34 -1.85 -1.24
C7 10F B . -8.20 -0.35 -1.55
N8 10F B . -7.78 0.34 -0.29
C8A 10F B . -6.55 -0.34 0.32
C9 10F B . -9.49 -2.74 -1.81
N10 10F B . -10.04 -3.51 -1.08
C11 10F B . -9.99 -7.81 -2.32
C12 10F B . -9.84 -7.44 -0.78
C13 10F B . -9.88 -5.96 -0.34
C14 10F B . -10.07 -4.88 -1.46
C15 10F B . -10.20 -5.22 -3.00
C16 10F B . -10.15 -6.71 -3.43
C17 10F B . -9.86 -9.24 -2.77
N 10F B . -10.05 -10.12 -1.65
CA 10F B . -11.14 -11.03 -1.39
CB 10F B . -10.61 -12.11 -0.44
CG 10F B . -10.06 -11.34 0.79
CD 10F B . -10.88 -11.57 2.11
OE1 10F B . -10.12 -11.35 3.28
OE2 10F B . -11.59 -12.79 2.17
CT 10F B . -11.71 -11.58 -2.70
O2 10F B . -12.49 -10.59 -3.34
O1 10F B . -10.73 -12.20 -3.50
C18 10F B . -10.97 -2.93 -0.20
O5 10F B . -10.87 -1.80 -0.15
O 10F B . -8.92 -9.42 -3.45
NI NI C . 14.68 -16.62 -3.44
NI NI D . -11.67 5.67 -11.70
MG MG E . -4.91 8.08 -10.11
MG MG F . -17.86 -0.48 0.55
MG MG G . 4.26 -22.47 7.66
MG MG H . -17.52 1.37 -4.94
MG MG I . 8.30 0.31 23.17
MG MG J . -6.39 -18.00 8.19
MG MG K . -8.21 -8.30 7.86
MG MG L . -6.43 1.24 -12.15
MG MG M . 11.02 18.77 0.02
#